data_3OLL
#
_entry.id   3OLL
#
_cell.length_a   71.860
_cell.length_b   71.860
_cell.length_c   113.280
_cell.angle_alpha   90.00
_cell.angle_beta   90.00
_cell.angle_gamma   120.00
#
_symmetry.space_group_name_H-M   'P 31'
#
loop_
_entity.id
_entity.type
_entity.pdbx_description
1 polymer 'Estrogen receptor beta'
2 polymer 'Nuclear receptor coactivator 1'
3 non-polymer ESTRADIOL
4 water water
#
loop_
_entity_poly.entity_id
_entity_poly.type
_entity_poly.pdbx_seq_one_letter_code
_entity_poly.pdbx_strand_id
1 'polypeptide(L)'
;DALSPEQLVLTLLEAEPPHVLISRPSAPFTEASMMMSLTKLADKELVHMISWAKKIPGFVELSLFDQVRLLESCWMEVLM
MGLMWRSIDHPGKLIFAPDLVLDRDEGKCVEGILEIFDMLLATTSRFRELKLQHKEYLCVKAMILLNSSMYPLVTATQDA
DSSRKLAHLLNAVTDALVWVIAKSGISSQQQSMRLANLLMLLSHVRHASNKGMEHLLNMKCKNVVPV(PTR)DLLLEMLN
AHVL
;
A,B
2 'polypeptide(L)' LTERHKILHRLLQEGSPSD C,D
#
loop_
_chem_comp.id
_chem_comp.type
_chem_comp.name
_chem_comp.formula
EST non-polymer ESTRADIOL 'C18 H24 O2'
#
# COMPACT_ATOMS: atom_id res chain seq x y z
N ALA A 2 0.70 -25.47 17.23
CA ALA A 2 -0.05 -24.14 17.30
C ALA A 2 -0.06 -23.36 16.04
N LEU A 3 0.95 -23.60 15.20
CA LEU A 3 1.07 -22.89 13.91
C LEU A 3 0.67 -23.69 12.73
N SER A 4 0.34 -24.95 12.94
CA SER A 4 -0.19 -25.78 11.90
C SER A 4 -1.57 -25.33 11.39
N PRO A 5 -1.90 -25.51 10.10
CA PRO A 5 -2.96 -24.66 9.49
C PRO A 5 -4.30 -24.78 10.19
N GLU A 6 -4.84 -26.00 10.44
CA GLU A 6 -6.21 -26.08 11.06
C GLU A 6 -6.23 -25.44 12.49
N GLN A 7 -5.21 -25.70 13.31
CA GLN A 7 -5.15 -25.07 14.67
C GLN A 7 -5.00 -23.54 14.57
N LEU A 8 -4.18 -23.03 13.59
CA LEU A 8 -3.95 -21.56 13.51
C LEU A 8 -5.24 -20.84 13.12
N VAL A 9 -5.97 -21.38 12.12
CA VAL A 9 -7.20 -20.75 11.68
C VAL A 9 -8.25 -20.72 12.84
N LEU A 10 -8.35 -21.83 13.62
CA LEU A 10 -9.32 -21.84 14.76
C LEU A 10 -8.89 -20.78 15.80
N THR A 11 -7.59 -20.66 16.13
CA THR A 11 -7.12 -19.62 17.07
C THR A 11 -7.56 -18.20 16.55
N LEU A 12 -7.37 -17.93 15.23
CA LEU A 12 -7.78 -16.61 14.67
C LEU A 12 -9.31 -16.42 14.81
N LEU A 13 -10.09 -17.49 14.56
CA LEU A 13 -11.55 -17.41 14.73
C LEU A 13 -11.93 -17.02 16.20
N GLU A 14 -11.26 -17.65 17.19
CA GLU A 14 -11.58 -17.41 18.60
C GLU A 14 -11.05 -16.06 19.11
N ALA A 15 -10.12 -15.46 18.36
CA ALA A 15 -9.50 -14.15 18.74
C ALA A 15 -10.37 -12.92 18.29
N GLU A 16 -11.37 -13.14 17.43
CA GLU A 16 -12.09 -11.97 16.80
C GLU A 16 -12.61 -11.00 17.88
N PRO A 17 -12.46 -9.65 17.67
CA PRO A 17 -12.91 -8.69 18.69
C PRO A 17 -14.45 -8.57 18.69
N PRO A 18 -15.01 -8.03 19.78
CA PRO A 18 -16.47 -7.78 19.84
C PRO A 18 -16.91 -6.67 18.88
N HIS A 19 -18.17 -6.70 18.46
CA HIS A 19 -18.78 -5.54 17.75
C HIS A 19 -19.02 -4.37 18.78
N VAL A 20 -18.46 -3.20 18.51
CA VAL A 20 -18.65 -2.07 19.40
C VAL A 20 -19.98 -1.33 18.95
N LEU A 21 -20.87 -1.08 19.88
CA LEU A 21 -22.19 -0.47 19.58
C LEU A 21 -22.16 1.06 19.78
N ILE A 22 -22.72 1.76 18.78
CA ILE A 22 -22.92 3.23 18.86
C ILE A 22 -24.20 3.57 17.98
N SER A 23 -24.89 4.67 18.31
N SER A 23 -24.92 4.64 18.33
CA SER A 23 -26.07 5.09 17.47
CA SER A 23 -26.14 5.06 17.55
C SER A 23 -25.86 6.47 16.88
C SER A 23 -25.94 6.49 16.97
N ARG A 24 -26.78 6.86 16.01
CA ARG A 24 -26.77 8.28 15.49
C ARG A 24 -27.18 9.27 16.58
N PRO A 25 -26.68 10.51 16.53
CA PRO A 25 -27.26 11.60 17.39
C PRO A 25 -28.79 11.85 17.09
N SER A 26 -29.50 12.41 18.10
CA SER A 26 -30.91 12.88 17.87
C SER A 26 -31.06 13.97 16.79
N ALA A 27 -30.15 14.95 16.76
CA ALA A 27 -30.25 16.08 15.81
C ALA A 27 -29.64 15.68 14.44
N PRO A 28 -30.11 16.32 13.29
CA PRO A 28 -29.44 16.06 11.97
C PRO A 28 -27.91 16.19 12.03
N PHE A 29 -27.21 15.32 11.29
CA PHE A 29 -25.69 15.43 11.29
C PHE A 29 -25.18 16.83 10.80
N THR A 30 -24.06 17.22 11.38
CA THR A 30 -23.24 18.35 10.89
C THR A 30 -21.82 17.72 10.64
N GLU A 31 -20.93 18.47 9.98
CA GLU A 31 -19.53 18.02 9.81
C GLU A 31 -18.90 17.69 11.19
N ALA A 32 -19.09 18.57 12.22
CA ALA A 32 -18.54 18.30 13.54
C ALA A 32 -19.16 17.04 14.22
N SER A 33 -20.49 16.89 14.19
CA SER A 33 -21.12 15.73 14.88
C SER A 33 -20.88 14.36 14.20
N MET A 34 -20.76 14.36 12.88
CA MET A 34 -20.39 13.10 12.16
C MET A 34 -18.92 12.71 12.52
N MET A 35 -17.97 13.70 12.51
CA MET A 35 -16.57 13.38 12.94
C MET A 35 -16.53 12.90 14.44
N MET A 36 -17.36 13.49 15.32
CA MET A 36 -17.39 13.03 16.70
C MET A 36 -17.87 11.57 16.82
N SER A 37 -18.92 11.17 16.06
CA SER A 37 -19.39 9.78 16.19
C SER A 37 -18.35 8.79 15.63
N LEU A 38 -17.71 9.11 14.47
CA LEU A 38 -16.74 8.18 13.87
C LEU A 38 -15.46 8.03 14.73
N THR A 39 -15.00 9.15 15.32
CA THR A 39 -13.77 9.03 16.18
C THR A 39 -14.02 8.37 17.58
N LYS A 40 -15.21 8.64 18.20
CA LYS A 40 -15.58 7.90 19.46
C LYS A 40 -15.59 6.35 19.20
N LEU A 41 -16.15 5.93 18.05
CA LEU A 41 -16.16 4.47 17.69
C LEU A 41 -14.71 3.94 17.46
N ALA A 42 -13.90 4.67 16.67
CA ALA A 42 -12.48 4.25 16.42
C ALA A 42 -11.66 4.09 17.70
N ASP A 43 -11.80 5.06 18.64
CA ASP A 43 -11.02 4.96 19.91
C ASP A 43 -11.35 3.70 20.69
N LYS A 44 -12.66 3.40 20.80
CA LYS A 44 -13.04 2.14 21.54
C LYS A 44 -12.59 0.87 20.78
N GLU A 45 -12.74 0.84 19.45
CA GLU A 45 -12.22 -0.31 18.67
C GLU A 45 -10.67 -0.50 18.82
N LEU A 46 -9.93 0.59 18.95
CA LEU A 46 -8.44 0.51 19.14
C LEU A 46 -8.11 -0.24 20.43
N VAL A 47 -8.87 -0.01 21.51
CA VAL A 47 -8.61 -0.68 22.77
C VAL A 47 -8.77 -2.17 22.57
N HIS A 48 -9.86 -2.58 21.93
CA HIS A 48 -10.10 -4.04 21.68
C HIS A 48 -9.13 -4.65 20.67
N MET A 49 -8.62 -3.82 19.76
CA MET A 49 -7.64 -4.31 18.77
C MET A 49 -6.36 -4.83 19.48
N ILE A 50 -5.95 -4.13 20.56
CA ILE A 50 -4.72 -4.58 21.30
C ILE A 50 -4.92 -5.99 21.89
N SER A 51 -6.10 -6.22 22.50
N SER A 51 -6.10 -6.24 22.48
CA SER A 51 -6.42 -7.58 23.04
CA SER A 51 -6.42 -7.61 23.03
C SER A 51 -6.42 -8.67 21.94
C SER A 51 -6.46 -8.71 21.93
N TRP A 52 -7.01 -8.38 20.76
CA TRP A 52 -6.97 -9.29 19.57
C TRP A 52 -5.49 -9.62 19.21
N ALA A 53 -4.62 -8.61 19.04
CA ALA A 53 -3.21 -8.87 18.59
C ALA A 53 -2.48 -9.83 19.56
N LYS A 54 -2.75 -9.64 20.87
CA LYS A 54 -2.13 -10.49 21.92
C LYS A 54 -2.54 -11.95 21.83
N LYS A 55 -3.71 -12.21 21.19
CA LYS A 55 -4.22 -13.61 21.01
C LYS A 55 -3.58 -14.35 19.80
N ILE A 56 -2.90 -13.66 18.86
CA ILE A 56 -2.32 -14.29 17.69
C ILE A 56 -1.07 -15.08 18.16
N PRO A 57 -0.98 -16.40 17.83
CA PRO A 57 0.14 -17.21 18.37
C PRO A 57 1.57 -16.62 18.09
N GLY A 58 2.38 -16.45 19.13
CA GLY A 58 3.77 -15.96 18.90
C GLY A 58 3.86 -14.42 19.07
N PHE A 59 2.73 -13.67 18.95
CA PHE A 59 2.88 -12.17 18.94
C PHE A 59 3.52 -11.65 20.27
N VAL A 60 3.05 -12.13 21.45
CA VAL A 60 3.60 -11.63 22.71
C VAL A 60 5.06 -12.19 23.00
N GLU A 61 5.53 -13.11 22.14
N GLU A 61 5.57 -13.09 22.16
CA GLU A 61 6.95 -13.66 22.15
CA GLU A 61 7.00 -13.50 22.33
C GLU A 61 7.93 -12.77 21.31
C GLU A 61 7.94 -12.59 21.50
N LEU A 62 7.40 -11.81 20.54
CA LEU A 62 8.23 -10.77 19.86
C LEU A 62 8.71 -9.76 20.91
N SER A 63 9.77 -9.02 20.65
CA SER A 63 10.19 -7.92 21.55
C SER A 63 9.02 -6.92 21.81
N LEU A 64 8.93 -6.33 23.00
CA LEU A 64 7.89 -5.30 23.23
C LEU A 64 8.06 -4.16 22.21
N PHE A 65 9.30 -3.86 21.85
CA PHE A 65 9.50 -2.83 20.87
C PHE A 65 8.87 -3.15 19.48
N ASP A 66 8.98 -4.40 19.02
CA ASP A 66 8.39 -4.81 17.75
C ASP A 66 6.85 -4.88 17.85
N GLN A 67 6.33 -5.35 19.02
CA GLN A 67 4.83 -5.31 19.23
C GLN A 67 4.26 -3.89 18.97
N VAL A 68 4.91 -2.89 19.60
CA VAL A 68 4.45 -1.50 19.49
C VAL A 68 4.62 -1.00 18.05
N ARG A 69 5.74 -1.34 17.39
CA ARG A 69 5.96 -0.84 16.08
C ARG A 69 4.99 -1.45 15.00
N LEU A 70 4.63 -2.73 15.14
CA LEU A 70 3.68 -3.33 14.20
C LEU A 70 2.30 -2.61 14.38
N LEU A 71 1.82 -2.41 15.65
CA LEU A 71 0.46 -1.80 15.80
C LEU A 71 0.46 -0.32 15.33
N GLU A 72 1.51 0.45 15.60
CA GLU A 72 1.60 1.80 15.07
C GLU A 72 1.53 1.85 13.53
N SER A 73 2.06 0.83 12.87
CA SER A 73 2.12 0.80 11.43
C SER A 73 0.86 0.30 10.74
N CYS A 74 -0.07 -0.36 11.39
CA CYS A 74 -1.19 -1.00 10.68
C CYS A 74 -2.60 -0.61 11.22
N TRP A 75 -2.71 0.17 12.33
CA TRP A 75 -4.01 0.21 13.02
C TRP A 75 -5.17 0.71 12.11
N MET A 76 -4.90 1.77 11.29
CA MET A 76 -5.96 2.28 10.42
C MET A 76 -6.38 1.23 9.33
N GLU A 77 -5.35 0.54 8.78
CA GLU A 77 -5.64 -0.58 7.83
C GLU A 77 -6.59 -1.64 8.50
N VAL A 78 -6.28 -2.02 9.76
CA VAL A 78 -7.09 -3.09 10.40
C VAL A 78 -8.55 -2.59 10.72
N LEU A 79 -8.70 -1.30 11.14
CA LEU A 79 -10.10 -0.72 11.33
C LEU A 79 -10.86 -0.81 9.98
N MET A 80 -10.19 -0.43 8.86
CA MET A 80 -10.86 -0.45 7.48
C MET A 80 -11.15 -1.89 7.01
N MET A 81 -10.21 -2.86 7.21
CA MET A 81 -10.53 -4.24 6.83
C MET A 81 -11.79 -4.79 7.57
N GLY A 82 -11.90 -4.52 8.89
CA GLY A 82 -13.12 -4.93 9.67
C GLY A 82 -14.41 -4.30 9.09
N LEU A 83 -14.33 -2.97 8.80
CA LEU A 83 -15.52 -2.27 8.22
C LEU A 83 -15.96 -2.90 6.88
N MET A 84 -14.94 -3.18 6.03
CA MET A 84 -15.22 -3.83 4.67
C MET A 84 -15.92 -5.17 4.85
N TRP A 85 -15.43 -6.02 5.77
CA TRP A 85 -16.09 -7.35 6.00
C TRP A 85 -17.55 -7.20 6.55
N ARG A 86 -17.81 -6.23 7.47
CA ARG A 86 -19.19 -5.99 7.99
C ARG A 86 -20.11 -5.50 6.84
N SER A 87 -19.57 -4.86 5.78
CA SER A 87 -20.36 -4.17 4.74
C SER A 87 -20.47 -5.04 3.42
N ILE A 88 -19.86 -6.25 3.42
CA ILE A 88 -19.65 -6.98 2.15
C ILE A 88 -20.98 -7.37 1.44
N ASP A 89 -22.06 -7.62 2.22
CA ASP A 89 -23.38 -8.01 1.61
C ASP A 89 -24.41 -6.85 1.50
N HIS A 90 -23.92 -5.60 1.60
CA HIS A 90 -24.82 -4.42 1.60
C HIS A 90 -24.30 -3.35 0.62
N PRO A 91 -24.42 -3.57 -0.73
CA PRO A 91 -23.94 -2.54 -1.73
C PRO A 91 -24.45 -1.12 -1.41
N GLY A 92 -23.58 -0.12 -1.59
CA GLY A 92 -23.94 1.32 -1.39
C GLY A 92 -23.99 1.77 0.08
N LYS A 93 -23.64 0.90 1.04
CA LYS A 93 -23.68 1.23 2.52
C LYS A 93 -22.39 0.87 3.24
N LEU A 94 -22.07 1.65 4.26
CA LEU A 94 -20.91 1.31 5.16
C LEU A 94 -21.53 1.01 6.58
N ILE A 95 -21.33 -0.25 7.03
CA ILE A 95 -21.98 -0.71 8.29
C ILE A 95 -20.95 -0.48 9.39
N PHE A 96 -20.88 0.78 9.89
CA PHE A 96 -19.93 1.12 11.01
C PHE A 96 -20.31 0.36 12.32
N ALA A 97 -21.62 0.27 12.56
CA ALA A 97 -22.16 -0.55 13.72
C ALA A 97 -23.61 -0.89 13.40
N PRO A 98 -24.27 -1.78 14.17
CA PRO A 98 -25.66 -2.13 13.82
C PRO A 98 -26.64 -1.01 13.76
N ASP A 99 -26.42 0.04 14.56
CA ASP A 99 -27.29 1.23 14.63
C ASP A 99 -26.54 2.50 14.04
N LEU A 100 -25.44 2.28 13.28
CA LEU A 100 -24.73 3.41 12.57
C LEU A 100 -24.39 2.88 11.13
N VAL A 101 -25.43 2.88 10.26
CA VAL A 101 -25.29 2.36 8.88
C VAL A 101 -25.39 3.61 7.96
N LEU A 102 -24.26 4.01 7.37
CA LEU A 102 -24.24 5.29 6.55
C LEU A 102 -24.45 4.95 5.07
N ASP A 103 -25.41 5.64 4.43
CA ASP A 103 -25.47 5.59 2.94
C ASP A 103 -24.27 6.34 2.31
N ARG A 104 -23.80 5.87 1.12
CA ARG A 104 -22.69 6.60 0.45
C ARG A 104 -22.85 8.14 0.45
N ASP A 105 -24.06 8.61 0.04
CA ASP A 105 -24.23 10.06 -0.10
C ASP A 105 -24.05 10.87 1.22
N GLU A 106 -24.20 10.18 2.37
CA GLU A 106 -23.94 10.85 3.63
C GLU A 106 -22.51 11.37 3.83
N GLY A 107 -21.57 10.83 3.05
CA GLY A 107 -20.20 11.37 3.13
C GLY A 107 -20.10 12.85 2.63
N LYS A 108 -21.15 13.32 1.91
CA LYS A 108 -21.18 14.78 1.50
C LYS A 108 -21.21 15.77 2.72
N CYS A 109 -21.58 15.24 3.89
N CYS A 109 -21.57 15.23 3.89
CA CYS A 109 -21.60 16.02 5.14
CA CYS A 109 -21.57 16.01 5.16
C CYS A 109 -20.25 16.48 5.66
C CYS A 109 -20.24 16.48 5.66
N VAL A 110 -19.17 15.75 5.31
CA VAL A 110 -17.79 16.09 5.83
C VAL A 110 -16.81 16.39 4.69
N GLU A 111 -16.18 17.57 4.71
CA GLU A 111 -15.27 17.92 3.62
C GLU A 111 -14.18 16.83 3.43
N GLY A 112 -14.01 16.38 2.19
CA GLY A 112 -12.96 15.37 1.88
C GLY A 112 -13.17 13.91 2.21
N ILE A 113 -14.26 13.60 2.94
CA ILE A 113 -14.50 12.16 3.28
C ILE A 113 -15.17 11.34 2.13
N LEU A 114 -15.88 11.98 1.17
CA LEU A 114 -16.62 11.23 0.18
C LEU A 114 -15.64 10.37 -0.68
N GLU A 115 -14.48 10.95 -1.09
CA GLU A 115 -13.45 10.18 -1.82
C GLU A 115 -13.02 8.89 -1.06
N ILE A 116 -12.82 9.04 0.28
CA ILE A 116 -12.39 7.88 1.10
C ILE A 116 -13.53 6.81 1.16
N PHE A 117 -14.81 7.24 1.35
CA PHE A 117 -15.94 6.32 1.34
C PHE A 117 -15.98 5.60 -0.04
N ASP A 118 -15.75 6.32 -1.17
CA ASP A 118 -15.80 5.64 -2.49
C ASP A 118 -14.64 4.58 -2.66
N MET A 119 -13.42 4.90 -2.13
CA MET A 119 -12.32 3.91 -2.09
C MET A 119 -12.72 2.63 -1.29
N LEU A 120 -13.33 2.85 -0.11
CA LEU A 120 -13.71 1.72 0.78
C LEU A 120 -14.83 0.87 0.11
N LEU A 121 -15.80 1.56 -0.46
CA LEU A 121 -16.91 0.86 -1.11
C LEU A 121 -16.45 0.04 -2.35
N ALA A 122 -15.52 0.60 -3.12
CA ALA A 122 -14.98 -0.14 -4.32
C ALA A 122 -14.15 -1.39 -3.92
N THR A 123 -13.31 -1.29 -2.88
CA THR A 123 -12.53 -2.46 -2.45
C THR A 123 -13.52 -3.54 -1.83
N THR A 124 -14.54 -3.06 -1.08
CA THR A 124 -15.65 -3.99 -0.57
C THR A 124 -16.30 -4.75 -1.76
N SER A 125 -16.61 -3.99 -2.84
N SER A 125 -16.62 -4.00 -2.85
CA SER A 125 -17.23 -4.62 -4.04
CA SER A 125 -17.24 -4.63 -4.05
C SER A 125 -16.33 -5.64 -4.72
C SER A 125 -16.33 -5.67 -4.69
N ARG A 126 -15.02 -5.40 -4.72
CA ARG A 126 -14.08 -6.43 -5.30
C ARG A 126 -14.03 -7.72 -4.39
N PHE A 127 -14.02 -7.58 -3.05
CA PHE A 127 -14.10 -8.79 -2.19
C PHE A 127 -15.48 -9.52 -2.41
N ARG A 128 -16.59 -8.76 -2.58
CA ARG A 128 -17.94 -9.40 -2.90
C ARG A 128 -17.90 -10.22 -4.25
N GLU A 129 -17.29 -9.63 -5.28
CA GLU A 129 -17.15 -10.27 -6.63
C GLU A 129 -16.30 -11.57 -6.55
N LEU A 130 -15.21 -11.51 -5.76
CA LEU A 130 -14.38 -12.73 -5.47
C LEU A 130 -15.08 -13.76 -4.55
N LYS A 131 -16.21 -13.41 -3.90
CA LYS A 131 -16.88 -14.32 -2.89
C LYS A 131 -15.88 -14.68 -1.80
N LEU A 132 -15.28 -13.64 -1.19
CA LEU A 132 -14.32 -13.82 -0.05
C LEU A 132 -15.01 -14.64 1.09
N GLN A 133 -14.33 -15.70 1.50
CA GLN A 133 -14.85 -16.59 2.60
C GLN A 133 -14.37 -16.14 4.02
N HIS A 134 -15.14 -16.46 5.07
CA HIS A 134 -14.79 -15.99 6.43
C HIS A 134 -13.35 -16.44 6.82
N LYS A 135 -12.95 -17.70 6.53
CA LYS A 135 -11.62 -18.14 6.91
C LYS A 135 -10.52 -17.42 6.08
N GLU A 136 -10.79 -17.12 4.80
CA GLU A 136 -9.83 -16.25 4.04
C GLU A 136 -9.66 -14.81 4.67
N TYR A 137 -10.81 -14.19 5.00
CA TYR A 137 -10.80 -12.89 5.75
C TYR A 137 -9.91 -12.95 7.02
N LEU A 138 -10.06 -14.02 7.85
CA LEU A 138 -9.25 -14.10 9.11
C LEU A 138 -7.73 -14.10 8.77
N CYS A 139 -7.32 -14.92 7.75
CA CYS A 139 -5.89 -14.94 7.38
C CYS A 139 -5.36 -13.60 6.80
N VAL A 140 -6.17 -12.94 5.96
CA VAL A 140 -5.72 -11.67 5.30
C VAL A 140 -5.62 -10.53 6.41
N LYS A 141 -6.54 -10.50 7.39
CA LYS A 141 -6.46 -9.49 8.44
C LYS A 141 -5.19 -9.67 9.35
N ALA A 142 -4.86 -10.94 9.67
CA ALA A 142 -3.62 -11.22 10.40
C ALA A 142 -2.35 -10.86 9.57
N MET A 143 -2.35 -11.15 8.25
CA MET A 143 -1.23 -10.71 7.35
C MET A 143 -1.04 -9.18 7.34
N ILE A 144 -2.16 -8.41 7.39
CA ILE A 144 -2.04 -6.92 7.46
C ILE A 144 -1.23 -6.51 8.71
N LEU A 145 -1.54 -7.14 9.87
CA LEU A 145 -0.76 -6.81 11.10
C LEU A 145 0.74 -7.12 10.96
N LEU A 146 1.06 -8.32 10.41
CA LEU A 146 2.45 -8.86 10.42
C LEU A 146 3.32 -8.35 9.27
N ASN A 147 2.68 -7.77 8.23
CA ASN A 147 3.39 -7.34 6.99
C ASN A 147 3.85 -5.84 7.03
N SER A 148 4.28 -5.24 8.03
CA SER A 148 4.77 -3.88 7.58
C SER A 148 6.29 -3.82 7.43
N SER A 149 6.80 -2.68 6.91
CA SER A 149 8.27 -2.44 6.82
C SER A 149 8.71 -2.47 8.24
N MET A 150 9.82 -3.10 8.49
CA MET A 150 10.24 -3.09 9.91
C MET A 150 11.70 -2.83 9.74
N TYR A 151 11.97 -1.77 8.96
CA TYR A 151 13.36 -1.39 8.68
C TYR A 151 14.24 -1.29 9.95
N PRO A 152 15.49 -1.74 9.91
CA PRO A 152 16.23 -1.85 11.21
C PRO A 152 16.38 -0.48 11.95
N LEU A 153 16.18 -0.50 13.27
CA LEU A 153 16.30 0.67 14.13
C LEU A 153 17.22 0.26 15.25
N VAL A 154 17.61 1.22 16.06
CA VAL A 154 18.65 0.92 16.96
C VAL A 154 17.95 0.98 18.33
N THR A 155 17.92 -0.17 18.96
CA THR A 155 17.35 -0.30 20.36
C THR A 155 18.45 -0.62 21.37
N ALA A 156 18.27 -0.27 22.68
CA ALA A 156 19.36 -0.41 23.67
C ALA A 156 19.69 -1.85 23.91
N THR A 157 18.65 -2.67 23.84
CA THR A 157 18.82 -4.09 23.77
C THR A 157 18.77 -4.76 22.48
N ALA A 160 18.11 -10.30 18.96
CA ALA A 160 18.14 -10.41 17.49
C ALA A 160 17.22 -11.47 16.86
N ASP A 161 16.63 -12.32 17.69
CA ASP A 161 15.80 -13.39 17.19
C ASP A 161 14.36 -12.82 16.94
N SER A 162 14.06 -11.57 17.37
CA SER A 162 12.67 -11.07 17.16
C SER A 162 12.28 -10.96 15.64
N SER A 163 13.18 -10.52 14.76
CA SER A 163 12.93 -10.53 13.31
C SER A 163 12.70 -11.91 12.67
N ARG A 164 13.50 -12.90 13.08
CA ARG A 164 13.30 -14.25 12.61
C ARG A 164 11.97 -14.81 13.11
N LYS A 165 11.66 -14.54 14.39
CA LYS A 165 10.37 -14.88 14.93
C LYS A 165 9.22 -14.27 14.07
N LEU A 166 9.30 -12.99 13.73
CA LEU A 166 8.27 -12.36 12.83
C LEU A 166 8.11 -13.07 11.45
N ALA A 167 9.25 -13.35 10.76
CA ALA A 167 9.14 -14.04 9.47
C ALA A 167 8.53 -15.43 9.65
N HIS A 168 8.88 -16.16 10.73
CA HIS A 168 8.28 -17.52 10.92
C HIS A 168 6.74 -17.47 11.09
N LEU A 169 6.29 -16.47 11.86
CA LEU A 169 4.83 -16.23 12.06
C LEU A 169 4.08 -15.80 10.76
N LEU A 170 4.67 -14.85 10.00
CA LEU A 170 4.08 -14.42 8.69
C LEU A 170 4.06 -15.60 7.69
N ASN A 171 5.14 -16.42 7.69
CA ASN A 171 5.14 -17.63 6.84
C ASN A 171 4.02 -18.61 7.20
N ALA A 172 3.76 -18.78 8.53
CA ALA A 172 2.73 -19.73 8.95
C ALA A 172 1.32 -19.25 8.57
N VAL A 173 1.09 -17.93 8.68
CA VAL A 173 -0.24 -17.42 8.23
C VAL A 173 -0.47 -17.54 6.68
N THR A 174 0.63 -17.28 5.92
CA THR A 174 0.57 -17.47 4.44
C THR A 174 0.26 -18.94 4.08
N ASP A 175 0.96 -19.90 4.78
CA ASP A 175 0.70 -21.33 4.53
C ASP A 175 -0.80 -21.65 4.86
N ALA A 176 -1.33 -21.04 5.95
CA ALA A 176 -2.72 -21.28 6.35
C ALA A 176 -3.71 -20.78 5.24
N LEU A 177 -3.44 -19.55 4.66
CA LEU A 177 -4.32 -19.07 3.58
C LEU A 177 -4.26 -20.03 2.32
N VAL A 178 -3.04 -20.47 1.91
CA VAL A 178 -2.91 -21.49 0.81
C VAL A 178 -3.71 -22.82 1.09
N TRP A 179 -3.68 -23.27 2.36
CA TRP A 179 -4.48 -24.45 2.82
C TRP A 179 -6.00 -24.22 2.73
N VAL A 180 -6.46 -23.00 3.10
CA VAL A 180 -7.89 -22.70 3.01
C VAL A 180 -8.32 -22.70 1.53
N ILE A 181 -7.54 -22.01 0.66
CA ILE A 181 -7.88 -21.99 -0.80
C ILE A 181 -7.92 -23.39 -1.41
N ALA A 182 -7.04 -24.27 -0.95
CA ALA A 182 -6.99 -25.65 -1.50
C ALA A 182 -8.26 -26.51 -1.19
N LYS A 183 -9.10 -26.09 -0.24
CA LYS A 183 -10.42 -26.75 0.08
C LYS A 183 -11.45 -26.59 -1.03
N SER A 184 -11.34 -25.52 -1.82
CA SER A 184 -12.25 -25.27 -2.92
C SER A 184 -12.15 -26.32 -4.05
N GLY A 185 -11.01 -27.03 -4.14
CA GLY A 185 -10.82 -28.04 -5.19
C GLY A 185 -10.69 -27.49 -6.62
N ILE A 186 -10.63 -26.17 -6.84
CA ILE A 186 -10.44 -25.63 -8.22
C ILE A 186 -9.03 -25.98 -8.79
N SER A 187 -8.80 -25.65 -10.07
CA SER A 187 -7.52 -26.02 -10.74
C SER A 187 -6.30 -25.35 -10.08
N SER A 188 -5.10 -25.89 -10.33
CA SER A 188 -3.85 -25.34 -9.75
C SER A 188 -3.66 -23.89 -10.26
N GLN A 189 -3.90 -23.64 -11.54
CA GLN A 189 -3.80 -22.29 -12.11
C GLN A 189 -4.82 -21.33 -11.45
N GLN A 190 -6.02 -21.83 -11.17
CA GLN A 190 -7.07 -21.03 -10.52
C GLN A 190 -6.73 -20.77 -9.05
N GLN A 191 -6.05 -21.71 -8.37
CA GLN A 191 -5.59 -21.47 -6.96
C GLN A 191 -4.53 -20.37 -6.91
N SER A 192 -3.56 -20.39 -7.86
CA SER A 192 -2.48 -19.34 -7.91
C SER A 192 -3.11 -17.98 -8.25
N MET A 193 -4.07 -17.96 -9.19
CA MET A 193 -4.69 -16.71 -9.59
C MET A 193 -5.51 -16.07 -8.39
N ARG A 194 -6.18 -16.94 -7.57
CA ARG A 194 -7.01 -16.46 -6.43
C ARG A 194 -6.06 -15.90 -5.35
N LEU A 195 -4.98 -16.63 -5.05
CA LEU A 195 -3.97 -16.10 -4.11
C LEU A 195 -3.47 -14.71 -4.55
N ALA A 196 -3.10 -14.57 -5.84
CA ALA A 196 -2.59 -13.26 -6.34
C ALA A 196 -3.68 -12.17 -6.24
N ASN A 197 -4.91 -12.52 -6.63
CA ASN A 197 -6.03 -11.53 -6.57
C ASN A 197 -6.30 -10.97 -5.14
N LEU A 198 -6.28 -11.86 -4.15
CA LEU A 198 -6.48 -11.44 -2.72
C LEU A 198 -5.29 -10.59 -2.28
N LEU A 199 -4.02 -11.01 -2.55
CA LEU A 199 -2.86 -10.23 -2.05
C LEU A 199 -2.64 -8.87 -2.77
N MET A 200 -3.00 -8.80 -4.06
CA MET A 200 -2.97 -7.48 -4.77
C MET A 200 -3.87 -6.46 -4.11
N LEU A 201 -4.94 -6.89 -3.42
CA LEU A 201 -5.85 -5.91 -2.74
C LEU A 201 -5.22 -5.34 -1.45
N LEU A 202 -4.15 -5.96 -0.92
CA LEU A 202 -3.42 -5.36 0.25
C LEU A 202 -2.93 -3.93 -0.07
N SER A 203 -2.44 -3.68 -1.27
N SER A 203 -2.44 -3.68 -1.27
CA SER A 203 -1.96 -2.33 -1.66
CA SER A 203 -1.95 -2.32 -1.62
C SER A 203 -3.13 -1.34 -1.72
C SER A 203 -3.13 -1.33 -1.70
N HIS A 204 -4.36 -1.80 -2.09
CA HIS A 204 -5.54 -0.90 -2.07
C HIS A 204 -5.93 -0.53 -0.61
N VAL A 205 -5.84 -1.49 0.34
CA VAL A 205 -6.12 -1.17 1.77
C VAL A 205 -5.07 -0.20 2.30
N ARG A 206 -3.77 -0.38 1.95
CA ARG A 206 -2.71 0.60 2.41
C ARG A 206 -2.97 2.02 1.79
N HIS A 207 -3.36 2.08 0.53
CA HIS A 207 -3.65 3.39 -0.15
C HIS A 207 -4.80 4.14 0.62
N ALA A 208 -5.91 3.44 0.88
CA ALA A 208 -7.07 4.03 1.61
C ALA A 208 -6.66 4.44 3.02
N SER A 209 -5.86 3.58 3.73
CA SER A 209 -5.42 3.97 5.08
C SER A 209 -4.52 5.26 5.09
N ASN A 210 -3.66 5.39 4.08
CA ASN A 210 -2.92 6.64 3.93
C ASN A 210 -3.83 7.89 3.82
N LYS A 211 -4.81 7.86 2.92
CA LYS A 211 -5.73 9.03 2.70
C LYS A 211 -6.52 9.24 4.02
N GLY A 212 -6.98 8.16 4.69
CA GLY A 212 -7.72 8.41 5.98
C GLY A 212 -6.86 9.05 7.10
N MET A 213 -5.58 8.62 7.21
CA MET A 213 -4.67 9.19 8.24
C MET A 213 -4.47 10.72 7.94
N GLU A 214 -4.19 11.09 6.67
CA GLU A 214 -4.08 12.53 6.35
C GLU A 214 -5.35 13.32 6.71
N HIS A 215 -6.51 12.73 6.40
CA HIS A 215 -7.81 13.42 6.63
C HIS A 215 -8.02 13.67 8.14
N LEU A 216 -7.81 12.61 8.95
CA LEU A 216 -7.99 12.75 10.39
C LEU A 216 -6.98 13.80 11.01
N LEU A 217 -5.69 13.78 10.58
CA LEU A 217 -4.68 14.71 11.16
C LEU A 217 -5.09 16.15 10.81
N ASN A 218 -5.64 16.40 9.62
CA ASN A 218 -6.11 17.77 9.25
C ASN A 218 -7.37 18.19 10.02
N MET A 219 -8.32 17.29 10.26
CA MET A 219 -9.53 17.63 11.09
C MET A 219 -9.14 17.96 12.52
N LYS A 220 -8.14 17.25 13.06
CA LYS A 220 -7.56 17.51 14.40
C LYS A 220 -6.86 18.92 14.44
N CYS A 221 -5.91 19.14 13.53
N CYS A 221 -5.93 19.15 13.48
CA CYS A 221 -5.19 20.43 13.50
CA CYS A 221 -5.16 20.45 13.30
C CYS A 221 -6.13 21.64 13.40
C CYS A 221 -6.04 21.71 13.21
N LYS A 222 -7.19 21.55 12.57
CA LYS A 222 -8.15 22.65 12.35
C LYS A 222 -9.24 22.74 13.45
N ASN A 223 -9.13 21.94 14.52
CA ASN A 223 -10.12 21.94 15.63
C ASN A 223 -11.57 21.65 15.24
N VAL A 224 -11.79 20.85 14.17
CA VAL A 224 -13.14 20.40 13.80
C VAL A 224 -13.66 19.36 14.78
N VAL A 225 -12.78 18.51 15.30
CA VAL A 225 -13.17 17.40 16.22
C VAL A 225 -12.06 17.30 17.32
N PRO A 226 -12.40 17.20 18.60
CA PRO A 226 -11.38 16.90 19.61
C PRO A 226 -11.14 15.33 19.66
N VAL A 227 -9.91 14.88 19.95
CA VAL A 227 -9.67 13.42 20.11
C VAL A 227 -8.95 13.14 21.43
N PTR A 228 -9.16 11.94 21.97
CA PTR A 228 -8.80 11.66 23.35
C PTR A 228 -8.08 10.34 23.43
O PTR A 228 -7.98 9.59 22.43
CB PTR A 228 -10.09 11.63 24.20
CG PTR A 228 -10.85 12.95 24.22
CD1 PTR A 228 -11.92 13.14 23.32
CD2 PTR A 228 -10.50 13.99 25.08
CE1 PTR A 228 -12.64 14.34 23.29
CE2 PTR A 228 -11.26 15.21 25.08
CZ PTR A 228 -12.32 15.38 24.17
OH PTR A 228 -13.04 16.44 24.05
P PTR A 228 -13.34 17.55 25.19
O1P PTR A 228 -12.10 18.28 25.56
O2P PTR A 228 -13.93 16.80 26.44
O3P PTR A 228 -14.32 18.59 24.53
N ASP A 229 -7.61 10.08 24.62
CA ASP A 229 -6.82 8.97 25.02
C ASP A 229 -6.01 8.15 23.97
N LEU A 230 -6.42 6.90 23.72
CA LEU A 230 -5.63 5.99 22.82
C LEU A 230 -5.53 6.51 21.38
N LEU A 231 -6.64 7.00 20.85
CA LEU A 231 -6.67 7.56 19.50
C LEU A 231 -5.72 8.78 19.36
N LEU A 232 -5.82 9.71 20.36
CA LEU A 232 -4.89 10.83 20.47
C LEU A 232 -3.43 10.34 20.54
N GLU A 233 -3.16 9.31 21.35
CA GLU A 233 -1.75 8.84 21.49
C GLU A 233 -1.24 8.25 20.16
N MET A 234 -2.05 7.40 19.48
CA MET A 234 -1.59 6.82 18.25
C MET A 234 -1.37 7.93 17.18
N LEU A 235 -2.26 8.93 17.08
CA LEU A 235 -2.06 10.06 16.21
C LEU A 235 -0.80 10.95 16.55
N ASN A 236 -0.58 11.27 17.82
CA ASN A 236 0.60 12.12 18.26
C ASN A 236 1.86 11.37 17.90
N ALA A 237 1.86 10.05 18.09
CA ALA A 237 3.07 9.24 17.80
C ALA A 237 3.33 9.15 16.32
N HIS A 238 2.29 9.24 15.45
CA HIS A 238 2.47 9.05 13.98
C HIS A 238 3.34 10.20 13.48
N ALA B 2 -0.25 -12.06 -28.37
CA ALA B 2 0.53 -10.91 -27.72
C ALA B 2 0.52 -11.01 -26.23
N LEU B 3 -0.49 -11.72 -25.68
CA LEU B 3 -0.62 -11.77 -24.19
C LEU B 3 -0.19 -13.08 -23.61
N SER B 4 0.14 -14.02 -24.47
CA SER B 4 0.74 -15.26 -24.09
C SER B 4 2.09 -15.12 -23.35
N PRO B 5 2.42 -15.98 -22.34
CA PRO B 5 3.49 -15.56 -21.38
C PRO B 5 4.85 -15.24 -22.02
N GLU B 6 5.37 -16.11 -22.88
CA GLU B 6 6.74 -15.88 -23.47
C GLU B 6 6.76 -14.53 -24.32
N GLN B 7 5.74 -14.34 -25.15
CA GLN B 7 5.61 -13.08 -25.95
C GLN B 7 5.44 -11.82 -25.05
N LEU B 8 4.58 -11.94 -24.00
CA LEU B 8 4.35 -10.78 -23.10
C LEU B 8 5.66 -10.35 -22.38
N VAL B 9 6.40 -11.34 -21.83
CA VAL B 9 7.63 -11.04 -21.10
C VAL B 9 8.65 -10.35 -22.07
N LEU B 10 8.77 -10.84 -23.35
CA LEU B 10 9.72 -10.22 -24.30
C LEU B 10 9.25 -8.78 -24.63
N THR B 11 7.94 -8.52 -24.82
CA THR B 11 7.47 -7.15 -25.02
C THR B 11 7.88 -6.21 -23.85
N LEU B 12 7.69 -6.70 -22.60
CA LEU B 12 8.09 -5.89 -21.42
C LEU B 12 9.61 -5.60 -21.43
N LEU B 13 10.41 -6.62 -21.78
CA LEU B 13 11.87 -6.47 -21.85
C LEU B 13 12.23 -5.36 -22.87
N GLU B 14 11.57 -5.37 -24.04
CA GLU B 14 11.86 -4.40 -25.11
C GLU B 14 11.33 -2.97 -24.82
N ALA B 15 10.36 -2.86 -23.89
CA ALA B 15 9.72 -1.56 -23.52
C ALA B 15 10.57 -0.77 -22.47
N GLU B 16 11.60 -1.40 -21.85
CA GLU B 16 12.31 -0.76 -20.67
C GLU B 16 12.80 0.65 -21.05
N PRO B 17 12.60 1.68 -20.15
CA PRO B 17 13.03 3.08 -20.48
C PRO B 17 14.55 3.19 -20.43
N PRO B 18 15.10 4.24 -21.05
CA PRO B 18 16.54 4.50 -20.96
C PRO B 18 16.99 4.93 -19.54
N HIS B 19 18.26 4.76 -19.21
CA HIS B 19 18.82 5.35 -17.98
C HIS B 19 19.02 6.88 -18.21
N VAL B 20 18.45 7.71 -17.36
CA VAL B 20 18.60 9.15 -17.51
C VAL B 20 19.92 9.54 -16.72
N LEU B 21 20.80 10.29 -17.37
CA LEU B 21 22.12 10.68 -16.76
C LEU B 21 22.07 12.04 -16.08
N ILE B 22 22.61 12.13 -14.87
CA ILE B 22 22.79 13.42 -14.14
C ILE B 22 24.04 13.26 -13.24
N SER B 23 24.69 14.36 -12.91
N SER B 23 24.71 14.36 -12.95
CA SER B 23 25.85 14.28 -11.98
CA SER B 23 25.91 14.33 -12.07
C SER B 23 25.64 15.14 -10.75
C SER B 23 25.72 15.23 -10.81
N ARG B 24 26.57 15.04 -9.78
CA ARG B 24 26.51 15.91 -8.59
C ARG B 24 26.93 17.35 -8.93
N PRO B 25 26.39 18.37 -8.25
CA PRO B 25 26.94 19.75 -8.41
C PRO B 25 28.45 19.86 -8.00
N SER B 26 29.14 20.88 -8.54
CA SER B 26 30.57 21.18 -8.07
C SER B 26 30.68 21.48 -6.58
N ALA B 27 29.76 22.28 -6.05
CA ALA B 27 29.84 22.71 -4.65
C ALA B 27 29.21 21.64 -3.69
N PRO B 28 29.67 21.58 -2.39
CA PRO B 28 29.06 20.64 -1.43
C PRO B 28 27.53 20.74 -1.40
N PHE B 29 26.85 19.59 -1.22
CA PHE B 29 25.34 19.67 -1.17
C PHE B 29 24.79 20.57 -0.02
N THR B 30 23.68 21.23 -0.32
CA THR B 30 22.80 21.88 0.66
C THR B 30 21.40 21.18 0.57
N GLU B 31 20.49 21.48 1.50
CA GLU B 31 19.09 20.96 1.37
C GLU B 31 18.48 21.39 0.04
N ALA B 32 18.64 22.68 -0.36
CA ALA B 32 18.10 23.17 -1.63
C ALA B 32 18.74 22.48 -2.87
N SER B 33 20.07 22.36 -2.88
CA SER B 33 20.70 21.73 -4.10
C SER B 33 20.51 20.21 -4.26
N MET B 34 20.37 19.50 -3.13
CA MET B 34 20.07 18.06 -3.23
C MET B 34 18.61 17.90 -3.73
N MET B 35 17.65 18.70 -3.21
CA MET B 35 16.25 18.66 -3.76
C MET B 35 16.20 19.02 -5.28
N MET B 36 17.01 20.01 -5.72
CA MET B 36 17.02 20.41 -7.11
C MET B 36 17.53 19.22 -7.98
N SER B 37 18.62 18.55 -7.56
CA SER B 37 19.10 17.42 -8.37
C SER B 37 18.08 16.27 -8.47
N LEU B 38 17.48 15.88 -7.31
CA LEU B 38 16.51 14.76 -7.35
C LEU B 38 15.23 15.07 -8.17
N THR B 39 14.72 16.32 -8.05
CA THR B 39 13.49 16.64 -8.82
C THR B 39 13.79 16.84 -10.36
N LYS B 40 14.96 17.42 -10.75
CA LYS B 40 15.32 17.48 -12.20
C LYS B 40 15.37 16.06 -12.82
N LEU B 41 15.95 15.09 -12.06
CA LEU B 41 15.99 13.69 -12.53
C LEU B 41 14.56 13.09 -12.65
N ALA B 42 13.74 13.27 -11.60
CA ALA B 42 12.33 12.74 -11.61
C ALA B 42 11.49 13.27 -12.79
N ASP B 43 11.56 14.59 -13.07
CA ASP B 43 10.80 15.18 -14.19
C ASP B 43 11.18 14.52 -15.53
N LYS B 44 12.49 14.34 -15.78
CA LYS B 44 12.90 13.71 -17.08
C LYS B 44 12.48 12.21 -17.12
N GLU B 45 12.65 11.48 -15.99
CA GLU B 45 12.15 10.08 -15.96
C GLU B 45 10.62 9.99 -16.21
N LEU B 46 9.85 10.95 -15.73
CA LEU B 46 8.38 10.95 -15.97
C LEU B 46 8.06 10.98 -17.46
N VAL B 47 8.78 11.81 -18.23
CA VAL B 47 8.57 11.90 -19.68
C VAL B 47 8.74 10.51 -20.31
N HIS B 48 9.83 9.81 -19.97
CA HIS B 48 10.14 8.48 -20.53
C HIS B 48 9.17 7.45 -20.01
N MET B 49 8.63 7.64 -18.81
CA MET B 49 7.66 6.64 -18.24
C MET B 49 6.38 6.59 -19.12
N ILE B 50 5.96 7.75 -19.69
CA ILE B 50 4.71 7.76 -20.52
C ILE B 50 4.94 6.89 -21.81
N SER B 51 6.16 7.04 -22.42
CA SER B 51 6.51 6.14 -23.64
C SER B 51 6.51 4.65 -23.26
N TRP B 52 7.09 4.32 -22.09
CA TRP B 52 7.06 2.91 -21.58
C TRP B 52 5.63 2.41 -21.47
N ALA B 53 4.74 3.14 -20.78
CA ALA B 53 3.34 2.64 -20.57
C ALA B 53 2.61 2.34 -21.92
N LYS B 54 2.86 3.20 -22.90
CA LYS B 54 2.22 3.05 -24.25
C LYS B 54 2.71 1.79 -24.98
N LYS B 55 3.85 1.26 -24.57
CA LYS B 55 4.38 -0.03 -25.19
C LYS B 55 3.81 -1.35 -24.55
N ILE B 56 3.14 -1.26 -23.40
CA ILE B 56 2.56 -2.42 -22.77
C ILE B 56 1.31 -2.86 -23.56
N PRO B 57 1.25 -4.15 -23.97
CA PRO B 57 0.14 -4.56 -24.88
C PRO B 57 -1.30 -4.27 -24.33
N GLY B 58 -2.12 -3.59 -25.10
CA GLY B 58 -3.49 -3.32 -24.63
C GLY B 58 -3.65 -1.93 -23.99
N PHE B 59 -2.52 -1.36 -23.49
CA PHE B 59 -2.70 -0.09 -22.69
C PHE B 59 -3.33 1.07 -23.51
N VAL B 60 -2.88 1.29 -24.77
CA VAL B 60 -3.45 2.39 -25.57
C VAL B 60 -4.86 2.05 -26.14
N GLU B 61 -5.36 0.83 -25.89
CA GLU B 61 -6.78 0.44 -26.28
C GLU B 61 -7.73 0.71 -25.06
N LEU B 62 -7.19 1.02 -23.86
CA LEU B 62 -8.06 1.50 -22.76
C LEU B 62 -8.59 2.90 -23.09
N SER B 63 -9.66 3.36 -22.44
CA SER B 63 -10.13 4.74 -22.66
C SER B 63 -8.96 5.71 -22.34
N LEU B 64 -8.93 6.87 -23.02
CA LEU B 64 -7.93 7.88 -22.64
C LEU B 64 -8.08 8.31 -21.17
N PHE B 65 -9.33 8.40 -20.67
N PHE B 65 -9.31 8.33 -20.70
CA PHE B 65 -9.57 8.72 -19.22
CA PHE B 65 -9.50 8.68 -19.34
C PHE B 65 -8.85 7.69 -18.29
C PHE B 65 -8.87 7.68 -18.31
N ASP B 66 -8.91 6.39 -18.62
CA ASP B 66 -8.35 5.33 -17.73
C ASP B 66 -6.81 5.35 -17.86
N GLN B 67 -6.29 5.63 -19.08
CA GLN B 67 -4.79 5.81 -19.23
C GLN B 67 -4.25 6.87 -18.25
N VAL B 68 -4.93 8.04 -18.28
CA VAL B 68 -4.51 9.16 -17.44
C VAL B 68 -4.65 8.81 -15.96
N ARG B 69 -5.76 8.19 -15.58
CA ARG B 69 -6.01 7.88 -14.20
C ARG B 69 -5.00 6.82 -13.63
N LEU B 70 -4.64 5.77 -14.40
CA LEU B 70 -3.64 4.82 -13.90
C LEU B 70 -2.28 5.53 -13.68
N LEU B 71 -1.85 6.40 -14.66
CA LEU B 71 -0.48 7.05 -14.45
C LEU B 71 -0.50 8.02 -13.25
N GLU B 72 -1.62 8.76 -13.06
CA GLU B 72 -1.68 9.63 -11.88
C GLU B 72 -1.58 8.85 -10.54
N SER B 73 -2.10 7.63 -10.48
N SER B 73 -2.10 7.60 -10.55
CA SER B 73 -2.06 6.94 -9.23
CA SER B 73 -2.23 6.70 -9.43
C SER B 73 -0.68 6.37 -8.86
C SER B 73 -0.99 5.85 -9.08
N CYS B 74 0.04 5.86 -9.88
CA CYS B 74 1.20 4.98 -9.66
C CYS B 74 2.59 5.62 -9.93
N TRP B 75 2.69 6.88 -10.43
CA TRP B 75 4.01 7.31 -11.00
C TRP B 75 5.12 7.30 -9.92
N MET B 76 4.82 7.75 -8.68
CA MET B 76 5.87 7.72 -7.67
C MET B 76 6.30 6.24 -7.31
N GLU B 77 5.31 5.33 -7.20
CA GLU B 77 5.65 3.89 -7.03
C GLU B 77 6.59 3.37 -8.15
N VAL B 78 6.31 3.75 -9.43
CA VAL B 78 7.13 3.24 -10.53
C VAL B 78 8.55 3.86 -10.52
N LEU B 79 8.69 5.17 -10.19
CA LEU B 79 10.06 5.71 -10.01
C LEU B 79 10.85 4.95 -8.89
N MET B 80 10.18 4.65 -7.76
CA MET B 80 10.84 3.93 -6.63
C MET B 80 11.19 2.48 -7.01
N MET B 81 10.30 1.74 -7.72
CA MET B 81 10.63 0.36 -8.13
C MET B 81 11.89 0.33 -9.03
N GLY B 82 11.97 1.28 -9.97
CA GLY B 82 13.19 1.37 -10.82
C GLY B 82 14.46 1.65 -10.01
N LEU B 83 14.39 2.58 -9.07
CA LEU B 83 15.57 2.91 -8.21
C LEU B 83 16.01 1.64 -7.40
N MET B 84 15.02 0.91 -6.84
CA MET B 84 15.31 -0.33 -6.02
C MET B 84 16.07 -1.37 -6.92
N TRP B 85 15.60 -1.62 -8.16
CA TRP B 85 16.26 -2.58 -9.08
C TRP B 85 17.71 -2.11 -9.42
N ARG B 86 17.94 -0.81 -9.69
CA ARG B 86 19.32 -0.33 -9.98
C ARG B 86 20.22 -0.48 -8.75
N SER B 87 19.66 -0.47 -7.52
CA SER B 87 20.41 -0.48 -6.24
C SER B 87 20.60 -1.93 -5.62
N ILE B 88 20.02 -2.95 -6.26
CA ILE B 88 19.83 -4.24 -5.57
C ILE B 88 21.17 -4.90 -5.19
N ASP B 89 22.24 -4.70 -6.01
CA ASP B 89 23.56 -5.30 -5.67
C ASP B 89 24.57 -4.39 -4.95
N HIS B 90 24.07 -3.27 -4.38
CA HIS B 90 24.94 -2.25 -3.71
C HIS B 90 24.40 -1.91 -2.30
N PRO B 91 24.55 -2.81 -1.28
CA PRO B 91 24.06 -2.48 0.10
C PRO B 91 24.55 -1.12 0.61
N GLY B 92 23.65 -0.36 1.25
CA GLY B 92 23.97 0.93 1.89
C GLY B 92 24.00 2.10 0.89
N LYS B 93 23.68 1.88 -0.41
CA LYS B 93 23.70 2.97 -1.44
C LYS B 93 22.40 3.02 -2.24
N LEU B 94 22.05 4.23 -2.71
CA LEU B 94 20.89 4.40 -3.66
C LEU B 94 21.49 4.91 -5.00
N ILE B 95 21.35 4.10 -6.06
CA ILE B 95 21.96 4.41 -7.37
C ILE B 95 20.93 5.17 -8.19
N PHE B 96 20.84 6.49 -7.92
CA PHE B 96 19.88 7.36 -8.69
C PHE B 96 20.27 7.38 -10.22
N ALA B 97 21.57 7.49 -10.47
CA ALA B 97 22.12 7.45 -11.86
C ALA B 97 23.57 7.02 -11.75
N PRO B 98 24.20 6.66 -12.88
CA PRO B 98 25.62 6.22 -12.76
C PRO B 98 26.58 7.17 -12.09
N ASP B 99 26.36 8.48 -12.24
CA ASP B 99 27.18 9.55 -11.65
C ASP B 99 26.43 10.30 -10.46
N LEU B 100 25.37 9.64 -9.94
CA LEU B 100 24.63 10.21 -8.74
C LEU B 100 24.27 8.98 -7.83
N VAL B 101 25.32 8.57 -7.06
CA VAL B 101 25.22 7.38 -6.20
C VAL B 101 25.32 7.91 -4.74
N LEU B 102 24.17 7.96 -4.03
CA LEU B 102 24.10 8.58 -2.64
C LEU B 102 24.34 7.45 -1.60
N ASP B 103 25.29 7.71 -0.69
CA ASP B 103 25.36 6.90 0.52
C ASP B 103 24.16 7.15 1.46
N ARG B 104 23.70 6.12 2.21
CA ARG B 104 22.56 6.32 3.14
C ARG B 104 22.69 7.61 3.99
N ASP B 105 23.90 7.82 4.61
CA ASP B 105 24.04 8.97 5.51
C ASP B 105 23.82 10.37 4.83
N GLU B 106 23.97 10.44 3.47
CA GLU B 106 23.70 11.71 2.79
C GLU B 106 22.26 12.21 2.87
N GLY B 107 21.32 11.32 3.22
CA GLY B 107 19.97 11.75 3.47
C GLY B 107 19.87 12.71 4.68
N LYS B 108 20.89 12.76 5.55
CA LYS B 108 20.88 13.76 6.69
C LYS B 108 20.88 15.26 6.19
N CYS B 109 21.25 15.47 4.92
N CYS B 109 21.24 15.46 4.91
CA CYS B 109 21.27 16.78 4.27
CA CYS B 109 21.24 16.78 4.25
C CYS B 109 19.90 17.43 4.05
C CYS B 109 19.88 17.43 4.09
N VAL B 110 18.83 16.62 3.96
CA VAL B 110 17.45 17.15 3.72
C VAL B 110 16.46 16.76 4.82
N GLU B 111 15.81 17.75 5.45
CA GLU B 111 14.89 17.39 6.54
C GLU B 111 13.81 16.39 6.11
N GLY B 112 13.68 15.32 6.89
CA GLY B 112 12.61 14.31 6.59
C GLY B 112 12.87 13.26 5.55
N ILE B 113 13.96 13.40 4.79
CA ILE B 113 14.24 12.38 3.72
C ILE B 113 14.93 11.09 4.25
N LEU B 114 15.63 11.14 5.40
CA LEU B 114 16.42 9.96 5.85
C LEU B 114 15.46 8.75 6.13
N GLU B 115 14.27 8.98 6.76
CA GLU B 115 13.30 7.89 6.96
C GLU B 115 12.89 7.24 5.61
N ILE B 116 12.66 8.10 4.58
CA ILE B 116 12.26 7.53 3.24
C ILE B 116 13.43 6.72 2.60
N PHE B 117 14.71 7.21 2.74
CA PHE B 117 15.84 6.43 2.22
C PHE B 117 15.90 5.10 2.98
N ASP B 118 15.66 5.09 4.31
CA ASP B 118 15.69 3.82 5.09
C ASP B 118 14.60 2.81 4.64
N MET B 119 13.37 3.32 4.34
CA MET B 119 12.27 2.49 3.80
C MET B 119 12.69 1.87 2.41
N LEU B 120 13.27 2.70 1.53
CA LEU B 120 13.68 2.22 0.18
C LEU B 120 14.82 1.18 0.32
N LEU B 121 15.81 1.46 1.18
CA LEU B 121 16.94 0.52 1.38
C LEU B 121 16.50 -0.85 1.99
N ALA B 122 15.53 -0.81 2.92
CA ALA B 122 15.07 -2.09 3.53
C ALA B 122 14.26 -2.92 2.50
N THR B 123 13.39 -2.29 1.69
CA THR B 123 12.65 -3.08 0.68
C THR B 123 13.64 -3.62 -0.41
N THR B 124 14.67 -2.80 -0.78
CA THR B 124 15.78 -3.26 -1.71
C THR B 124 16.46 -4.55 -1.12
N SER B 125 16.76 -4.49 0.21
CA SER B 125 17.42 -5.64 0.89
C SER B 125 16.51 -6.88 0.87
N ARG B 126 15.20 -6.70 1.00
CA ARG B 126 14.29 -7.92 0.90
C ARG B 126 14.29 -8.53 -0.52
N PHE B 127 14.22 -7.71 -1.57
CA PHE B 127 14.34 -8.27 -2.94
C PHE B 127 15.73 -8.96 -3.15
N ARG B 128 16.84 -8.39 -2.58
CA ARG B 128 18.20 -9.08 -2.68
C ARG B 128 18.18 -10.46 -1.96
N GLU B 129 17.55 -10.54 -0.79
CA GLU B 129 17.50 -11.82 0.01
C GLU B 129 16.66 -12.86 -0.75
N LEU B 130 15.57 -12.40 -1.42
CA LEU B 130 14.77 -13.31 -2.29
C LEU B 130 15.45 -13.64 -3.64
N LYS B 131 16.58 -12.99 -3.95
CA LYS B 131 17.24 -13.20 -5.28
C LYS B 131 16.26 -12.93 -6.42
N LEU B 132 15.65 -11.73 -6.40
CA LEU B 132 14.67 -11.33 -7.45
C LEU B 132 15.32 -11.40 -8.86
N GLN B 133 14.63 -12.05 -9.78
CA GLN B 133 15.20 -12.20 -11.15
C GLN B 133 14.74 -11.07 -12.09
N HIS B 134 15.52 -10.80 -13.15
CA HIS B 134 15.15 -9.68 -14.08
C HIS B 134 13.70 -9.87 -14.64
N LYS B 135 13.34 -11.08 -15.10
CA LYS B 135 11.99 -11.29 -15.67
C LYS B 135 10.89 -11.14 -14.60
N GLU B 136 11.15 -11.54 -13.32
CA GLU B 136 10.17 -11.27 -12.23
C GLU B 136 10.00 -9.70 -12.00
N TYR B 137 11.11 -8.96 -11.94
CA TYR B 137 11.06 -7.48 -11.85
C TYR B 137 10.17 -6.88 -12.98
N LEU B 138 10.35 -7.33 -14.26
CA LEU B 138 9.58 -6.73 -15.37
C LEU B 138 8.03 -6.96 -15.08
N CYS B 139 7.63 -8.20 -14.67
CA CYS B 139 6.23 -8.44 -14.36
C CYS B 139 5.67 -7.63 -13.14
N VAL B 140 6.47 -7.52 -12.08
CA VAL B 140 6.00 -6.83 -10.83
C VAL B 140 5.85 -5.30 -11.20
N LYS B 141 6.80 -4.72 -11.98
CA LYS B 141 6.67 -3.26 -12.30
C LYS B 141 5.37 -2.99 -13.19
N ALA B 142 5.06 -3.89 -14.17
CA ALA B 142 3.82 -3.73 -14.95
C ALA B 142 2.56 -3.89 -14.03
N MET B 143 2.58 -4.85 -13.05
CA MET B 143 1.42 -5.01 -12.10
C MET B 143 1.23 -3.74 -11.29
N ILE B 144 2.35 -3.06 -10.89
CA ILE B 144 2.21 -1.77 -10.14
C ILE B 144 1.34 -0.75 -10.98
N LEU B 145 1.68 -0.63 -12.29
CA LEU B 145 0.87 0.32 -13.16
C LEU B 145 -0.60 -0.07 -13.25
N LEU B 146 -0.87 -1.39 -13.39
CA LEU B 146 -2.24 -1.88 -13.67
C LEU B 146 -3.11 -2.11 -12.44
N ASN B 147 -2.51 -2.14 -11.24
CA ASN B 147 -3.21 -2.50 -9.98
C ASN B 147 -3.56 -1.34 -9.05
N SER B 148 -4.35 -0.45 -9.45
CA SER B 148 -4.74 0.65 -8.49
C SER B 148 -6.25 0.66 -8.43
N SER B 149 -6.78 1.35 -7.42
CA SER B 149 -8.24 1.47 -7.25
C SER B 149 -8.69 2.19 -8.42
N MET B 150 -9.77 1.75 -9.02
CA MET B 150 -10.23 2.52 -10.19
C MET B 150 -11.68 2.63 -9.94
N TYR B 151 -11.96 3.15 -8.73
CA TYR B 151 -13.34 3.22 -8.27
C TYR B 151 -14.23 4.00 -9.30
N PRO B 152 -15.47 3.59 -9.51
CA PRO B 152 -16.09 4.19 -10.72
C PRO B 152 -16.43 5.70 -10.60
N LEU B 153 -16.26 6.42 -11.71
CA LEU B 153 -16.47 7.89 -11.76
C LEU B 153 -17.33 8.06 -12.96
N VAL B 154 -17.73 9.30 -13.18
CA VAL B 154 -18.74 9.54 -14.11
C VAL B 154 -18.05 10.33 -15.22
N THR B 155 -17.96 9.72 -16.36
CA THR B 155 -17.42 10.38 -17.58
C THR B 155 -18.55 10.63 -18.63
N ALA B 156 -18.36 11.60 -19.56
CA ALA B 156 -19.46 12.02 -20.47
C ALA B 156 -19.73 10.91 -21.49
N THR B 157 -18.59 10.24 -21.79
CA THR B 157 -18.06 9.30 -22.81
C THR B 157 -18.74 8.82 -23.95
N ASP B 161 -16.50 -1.21 -21.67
CA ASP B 161 -15.56 -2.31 -21.90
C ASP B 161 -14.14 -1.95 -21.40
N SER B 162 -13.88 -0.67 -21.08
CA SER B 162 -12.49 -0.31 -20.66
C SER B 162 -12.10 -1.03 -19.32
N SER B 163 -13.01 -1.16 -18.36
CA SER B 163 -12.72 -1.95 -17.15
C SER B 163 -12.46 -3.44 -17.33
N ARG B 164 -13.21 -4.02 -18.26
CA ARG B 164 -13.02 -5.43 -18.54
C ARG B 164 -11.70 -5.62 -19.24
N LYS B 165 -11.38 -4.68 -20.13
CA LYS B 165 -10.11 -4.71 -20.81
C LYS B 165 -8.98 -4.62 -19.76
N LEU B 166 -9.13 -3.74 -18.77
CA LEU B 166 -8.06 -3.67 -17.67
C LEU B 166 -7.87 -4.98 -16.87
N ALA B 167 -8.99 -5.62 -16.45
CA ALA B 167 -8.87 -6.90 -15.75
C ALA B 167 -8.19 -7.96 -16.63
N HIS B 168 -8.56 -8.04 -17.91
CA HIS B 168 -7.95 -9.02 -18.82
C HIS B 168 -6.41 -8.83 -18.91
N LEU B 169 -5.97 -7.57 -18.99
CA LEU B 169 -4.55 -7.28 -19.07
C LEU B 169 -3.79 -7.59 -17.74
N LEU B 170 -4.38 -7.18 -16.59
CA LEU B 170 -3.76 -7.54 -15.28
C LEU B 170 -3.73 -9.06 -15.07
N ASN B 171 -4.78 -9.78 -15.48
CA ASN B 171 -4.77 -11.26 -15.42
C ASN B 171 -3.64 -11.86 -16.27
N ALA B 172 -3.38 -11.33 -17.47
CA ALA B 172 -2.30 -11.82 -18.33
C ALA B 172 -0.91 -11.60 -17.72
N VAL B 173 -0.71 -10.41 -17.11
CA VAL B 173 0.63 -10.19 -16.47
C VAL B 173 0.85 -11.11 -15.21
N THR B 174 -0.26 -11.32 -14.45
CA THR B 174 -0.18 -12.29 -13.31
C THR B 174 0.16 -13.74 -13.78
N ASP B 175 -0.53 -14.19 -14.85
CA ASP B 175 -0.21 -15.51 -15.48
C ASP B 175 1.29 -15.58 -15.90
N ALA B 176 1.80 -14.46 -16.47
CA ALA B 176 3.21 -14.42 -16.90
C ALA B 176 4.19 -14.56 -15.71
N LEU B 177 3.89 -13.84 -14.57
CA LEU B 177 4.76 -14.00 -13.40
C LEU B 177 4.71 -15.48 -12.85
N VAL B 178 3.50 -16.10 -12.76
CA VAL B 178 3.42 -17.53 -12.33
C VAL B 178 4.24 -18.50 -13.29
N TRP B 179 4.23 -18.21 -14.60
CA TRP B 179 5.04 -18.94 -15.64
C TRP B 179 6.58 -18.79 -15.43
N VAL B 180 6.98 -17.53 -15.07
CA VAL B 180 8.40 -17.28 -14.84
C VAL B 180 8.86 -18.05 -13.60
N ILE B 181 8.04 -18.00 -12.50
CA ILE B 181 8.40 -18.75 -11.25
C ILE B 181 8.47 -20.25 -11.48
N ALA B 182 7.62 -20.75 -12.38
CA ALA B 182 7.62 -22.21 -12.66
C ALA B 182 8.90 -22.73 -13.36
N LYS B 183 9.69 -21.87 -14.02
CA LYS B 183 11.05 -22.23 -14.55
C LYS B 183 12.04 -22.68 -13.50
N SER B 184 11.91 -22.20 -12.27
CA SER B 184 12.86 -22.55 -11.20
C SER B 184 12.76 -24.05 -10.84
N GLY B 185 11.60 -24.67 -11.16
CA GLY B 185 11.35 -26.08 -10.78
C GLY B 185 11.33 -26.44 -9.27
N ILE B 186 11.25 -25.45 -8.37
CA ILE B 186 11.05 -25.74 -6.91
C ILE B 186 9.67 -26.38 -6.62
N SER B 187 9.43 -26.85 -5.38
CA SER B 187 8.15 -27.51 -5.04
C SER B 187 6.93 -26.60 -5.26
N SER B 188 5.73 -27.22 -5.41
CA SER B 188 4.48 -26.46 -5.57
C SER B 188 4.28 -25.50 -4.37
N GLN B 189 4.53 -26.00 -3.17
CA GLN B 189 4.51 -25.20 -1.91
C GLN B 189 5.44 -24.00 -1.97
N GLN B 190 6.65 -24.24 -2.45
CA GLN B 190 7.65 -23.20 -2.55
C GLN B 190 7.27 -22.19 -3.63
N GLN B 191 6.60 -22.61 -4.71
CA GLN B 191 6.14 -21.67 -5.76
C GLN B 191 5.03 -20.72 -5.26
N SER B 192 4.08 -21.26 -4.48
CA SER B 192 2.97 -20.45 -3.85
C SER B 192 3.58 -19.49 -2.83
N MET B 193 4.55 -19.96 -2.03
CA MET B 193 5.18 -19.10 -1.03
C MET B 193 5.96 -17.93 -1.69
N ARG B 194 6.66 -18.25 -2.81
CA ARG B 194 7.43 -17.18 -3.53
C ARG B 194 6.47 -16.13 -4.15
N LEU B 195 5.40 -16.60 -4.81
CA LEU B 195 4.41 -15.66 -5.31
C LEU B 195 3.86 -14.73 -4.21
N ALA B 196 3.47 -15.32 -3.07
CA ALA B 196 2.94 -14.50 -1.92
C ALA B 196 4.00 -13.50 -1.41
N ASN B 197 5.24 -13.98 -1.28
CA ASN B 197 6.35 -13.09 -0.79
C ASN B 197 6.59 -11.83 -1.68
N LEU B 198 6.59 -12.07 -2.99
CA LEU B 198 6.75 -10.95 -3.98
C LEU B 198 5.55 -10.00 -3.90
N LEU B 199 4.31 -10.53 -3.89
CA LEU B 199 3.14 -9.63 -3.89
C LEU B 199 2.89 -8.87 -2.57
N MET B 200 3.26 -9.48 -1.46
CA MET B 200 3.22 -8.75 -0.17
C MET B 200 4.06 -7.52 -0.14
N LEU B 201 5.14 -7.48 -0.94
CA LEU B 201 6.04 -6.31 -0.96
C LEU B 201 5.39 -5.12 -1.74
N LEU B 202 4.33 -5.39 -2.56
CA LEU B 202 3.58 -4.26 -3.23
C LEU B 202 3.04 -3.23 -2.21
N SER B 203 2.54 -3.69 -1.08
N SER B 203 2.55 -3.70 -1.06
CA SER B 203 2.07 -2.79 -0.01
CA SER B 203 2.06 -2.78 0.00
C SER B 203 3.21 -1.93 0.58
C SER B 203 3.20 -1.95 0.62
N HIS B 204 4.44 -2.49 0.69
CA HIS B 204 5.60 -1.69 1.16
C HIS B 204 5.99 -0.59 0.13
N VAL B 205 5.91 -0.92 -1.19
CA VAL B 205 6.19 0.14 -2.22
C VAL B 205 5.10 1.24 -2.13
N ARG B 206 3.82 0.86 -1.95
CA ARG B 206 2.72 1.90 -1.82
C ARG B 206 2.95 2.77 -0.54
N HIS B 207 3.34 2.15 0.56
CA HIS B 207 3.64 2.88 1.80
C HIS B 207 4.76 3.97 1.57
N ALA B 208 5.87 3.55 0.96
CA ALA B 208 6.99 4.47 0.72
C ALA B 208 6.57 5.58 -0.24
N SER B 209 5.79 5.24 -1.30
N SER B 209 5.79 5.23 -1.29
CA SER B 209 5.33 6.27 -2.26
CA SER B 209 5.34 6.27 -2.23
C SER B 209 4.45 7.34 -1.60
C SER B 209 4.48 7.34 -1.57
N ASN B 210 3.61 6.92 -0.67
CA ASN B 210 2.86 7.95 0.01
C ASN B 210 3.68 8.88 0.90
N LYS B 211 4.65 8.31 1.64
CA LYS B 211 5.53 9.19 2.46
C LYS B 211 6.31 10.16 1.47
N GLY B 212 6.78 9.64 0.31
CA GLY B 212 7.51 10.49 -0.62
C GLY B 212 6.68 11.62 -1.23
N MET B 213 5.42 11.34 -1.55
CA MET B 213 4.50 12.34 -2.06
C MET B 213 4.21 13.45 -1.03
N GLU B 214 3.97 13.07 0.21
CA GLU B 214 3.81 14.08 1.28
C GLU B 214 5.07 14.99 1.42
N HIS B 215 6.25 14.34 1.39
CA HIS B 215 7.53 15.10 1.57
C HIS B 215 7.69 16.13 0.43
N LEU B 216 7.49 15.68 -0.85
CA LEU B 216 7.67 16.57 -2.00
C LEU B 216 6.63 17.75 -1.95
N LEU B 217 5.36 17.44 -1.61
CA LEU B 217 4.32 18.51 -1.57
C LEU B 217 4.73 19.59 -0.55
N ASN B 218 5.28 19.17 0.60
CA ASN B 218 5.67 20.13 1.68
C ASN B 218 6.92 20.92 1.24
N MET B 219 7.90 20.31 0.55
CA MET B 219 9.11 21.08 0.04
C MET B 219 8.71 22.13 -0.99
N LYS B 220 7.70 21.80 -1.81
CA LYS B 220 7.13 22.72 -2.81
C LYS B 220 6.41 23.90 -2.10
N CYS B 221 5.53 23.58 -1.16
CA CYS B 221 4.74 24.61 -0.39
C CYS B 221 5.61 25.60 0.36
N LYS B 222 6.69 25.12 0.94
CA LYS B 222 7.64 25.94 1.68
C LYS B 222 8.70 26.62 0.81
N ASN B 223 8.57 26.54 -0.54
CA ASN B 223 9.56 27.13 -1.45
C ASN B 223 11.02 26.73 -1.25
N VAL B 224 11.28 25.49 -0.81
CA VAL B 224 12.64 24.94 -0.71
C VAL B 224 13.18 24.63 -2.11
N VAL B 225 12.29 24.17 -2.98
CA VAL B 225 12.70 23.75 -4.34
C VAL B 225 11.59 24.21 -5.34
N PRO B 226 11.94 24.81 -6.49
CA PRO B 226 10.92 25.08 -7.55
C PRO B 226 10.74 23.78 -8.40
N VAL B 227 9.51 23.53 -8.89
CA VAL B 227 9.29 22.41 -9.83
C VAL B 227 8.56 22.88 -11.10
N PTR B 228 8.78 22.16 -12.20
CA PTR B 228 8.44 22.65 -13.51
C PTR B 228 7.74 21.56 -14.28
O PTR B 228 7.64 20.39 -13.84
CB PTR B 228 9.72 23.09 -14.25
CG PTR B 228 10.45 24.22 -13.52
CD1 PTR B 228 11.56 23.93 -12.71
CD2 PTR B 228 10.05 25.58 -13.66
CE1 PTR B 228 12.21 24.94 -12.03
CE2 PTR B 228 10.76 26.61 -12.99
CZ PTR B 228 11.86 26.28 -12.17
OH PTR B 228 12.55 27.16 -11.50
P PTR B 228 12.83 28.71 -11.92
O1P PTR B 228 11.56 29.48 -11.74
O2P PTR B 228 13.36 28.79 -13.38
O3P PTR B 228 13.80 29.24 -10.82
N ASP B 229 7.19 21.98 -15.41
CA ASP B 229 6.46 21.24 -16.36
C ASP B 229 5.71 19.94 -15.92
N LEU B 230 6.20 18.76 -16.38
CA LEU B 230 5.41 17.51 -16.14
C LEU B 230 5.29 17.14 -14.63
N LEU B 231 6.41 17.27 -13.94
CA LEU B 231 6.40 17.05 -12.48
C LEU B 231 5.46 17.99 -11.72
N LEU B 232 5.51 19.30 -12.05
CA LEU B 232 4.54 20.27 -11.56
C LEU B 232 3.09 19.88 -11.88
N GLU B 233 2.83 19.47 -13.13
CA GLU B 233 1.44 19.09 -13.55
C GLU B 233 0.96 17.87 -12.72
N MET B 234 1.84 16.83 -12.55
CA MET B 234 1.39 15.62 -11.86
C MET B 234 1.16 15.97 -10.35
N LEU B 235 2.02 16.81 -9.75
CA LEU B 235 1.79 17.34 -8.41
C LEU B 235 0.51 18.23 -8.25
N ASN B 236 0.31 19.20 -9.13
CA ASN B 236 -0.90 20.09 -9.07
C ASN B 236 -2.17 19.24 -9.16
N ALA B 237 -2.16 18.23 -10.03
CA ALA B 237 -3.37 17.36 -10.22
C ALA B 237 -3.61 16.49 -9.02
N HIS B 238 -2.54 16.11 -8.27
CA HIS B 238 -2.69 15.22 -7.10
C HIS B 238 -3.57 15.82 -6.00
N ARG C 4 5.33 8.78 25.39
CA ARG C 4 5.18 8.72 23.85
C ARG C 4 4.25 7.60 23.36
N HIS C 5 4.55 6.44 23.86
CA HIS C 5 3.69 5.30 23.56
C HIS C 5 3.17 5.03 24.91
N LYS C 6 3.19 6.05 25.72
CA LYS C 6 2.58 5.85 27.11
C LYS C 6 1.44 4.94 27.45
N ILE C 7 0.27 5.01 26.79
CA ILE C 7 -0.97 4.18 27.16
C ILE C 7 -1.03 2.68 26.45
N LEU C 8 -0.51 2.62 25.24
CA LEU C 8 -0.35 1.30 24.55
C LEU C 8 0.55 0.29 25.37
N HIS C 9 1.50 0.82 26.13
CA HIS C 9 2.38 -0.09 26.92
C HIS C 9 1.66 -0.63 28.02
N ARG C 10 0.92 0.29 28.63
CA ARG C 10 0.08 -0.19 29.59
C ARG C 10 -0.90 -1.34 29.19
N LEU C 11 -1.62 -1.25 28.07
CA LEU C 11 -2.49 -2.35 27.62
C LEU C 11 -1.78 -3.65 27.14
N LEU C 12 -0.53 -3.50 26.68
CA LEU C 12 0.26 -4.69 26.27
C LEU C 12 0.72 -5.54 27.45
N GLN C 13 0.75 -4.96 28.67
CA GLN C 13 1.18 -5.73 29.87
C GLN C 13 0.13 -5.92 31.00
N ARG D 4 -5.70 21.01 -16.83
CA ARG D 4 -5.59 20.14 -15.55
C ARG D 4 -4.63 18.94 -15.74
N HIS D 5 -4.88 18.22 -16.80
CA HIS D 5 -3.96 17.17 -17.12
C HIS D 5 -3.46 17.68 -18.41
N LYS D 6 -3.48 18.98 -18.56
CA LYS D 6 -2.90 19.55 -19.88
C LYS D 6 -1.72 18.98 -20.63
N ILE D 7 -0.56 18.66 -19.98
CA ILE D 7 0.71 18.25 -20.77
C ILE D 7 0.81 16.59 -21.00
N LEU D 8 0.36 15.89 -19.98
CA LEU D 8 0.20 14.39 -20.12
C LEU D 8 -0.68 13.97 -21.35
N HIS D 9 -1.66 14.79 -21.73
CA HIS D 9 -2.45 14.43 -22.96
C HIS D 9 -1.70 14.52 -24.21
N ARG D 10 -0.93 15.60 -24.29
CA ARG D 10 -0.07 15.72 -25.36
C ARG D 10 0.89 14.53 -25.59
N LEU D 11 1.59 14.06 -24.54
CA LEU D 11 2.49 12.93 -24.73
C LEU D 11 1.77 11.56 -25.02
N LEU D 12 0.54 11.41 -24.51
CA LEU D 12 -0.25 10.20 -24.79
C LEU D 12 -0.80 10.21 -26.19
N GLN D 13 -1.13 11.43 -26.71
CA GLN D 13 -2.17 11.62 -27.79
C GLN D 13 -1.44 11.89 -29.11
C1 EST E . -14.08 4.51 12.20
C2 EST E . -14.30 3.21 12.63
C3 EST E . -14.03 2.07 11.78
O3 EST E . -14.28 0.73 12.19
C4 EST E . -13.53 2.33 10.50
C5 EST E . -13.27 3.64 10.03
C6 EST E . -12.72 3.85 8.59
C7 EST E . -13.00 5.27 8.05
C8 EST E . -12.43 6.27 9.12
C9 EST E . -13.28 6.20 10.41
C10 EST E . -13.55 4.78 10.93
C11 EST E . -12.77 7.18 11.53
C12 EST E . -12.60 8.67 11.07
C13 EST E . -11.71 8.69 9.78
C14 EST E . -12.38 7.77 8.68
C15 EST E . -11.65 8.08 7.32
C16 EST E . -11.30 9.59 7.49
C17 EST E . -11.76 9.96 8.91
O17 EST E . -11.00 11.02 9.52
C18 EST E . -10.20 8.31 10.08
C1 EST F . 13.91 10.68 -7.91
C2 EST F . 14.15 9.83 -8.98
C3 EST F . 13.92 8.43 -8.86
O3 EST F . 14.20 7.51 -9.91
C4 EST F . 13.45 7.94 -7.63
C5 EST F . 13.15 8.78 -6.57
C6 EST F . 12.62 8.20 -5.24
C7 EST F . 12.86 9.07 -4.03
C8 EST F . 12.28 10.49 -4.41
C9 EST F . 13.12 11.17 -5.50
C10 EST F . 13.38 10.24 -6.71
C11 EST F . 12.61 12.59 -5.92
C12 EST F . 12.35 13.53 -4.73
C13 EST F . 11.53 12.86 -3.63
C14 EST F . 12.20 11.51 -3.23
C15 EST F . 11.46 11.04 -1.94
C16 EST F . 11.09 12.38 -1.26
C17 EST F . 11.57 13.49 -2.24
O17 EST F . 10.74 14.68 -2.16
C18 EST F . 10.04 12.68 -4.11
#